data_1T3G
#
_entry.id   1T3G
#
_cell.length_a   51.987
_cell.length_b   53.265
_cell.length_c   183.250
_cell.angle_alpha   90.00
_cell.angle_beta   90.00
_cell.angle_gamma   90.00
#
_symmetry.space_group_name_H-M   'P 21 21 21'
#
loop_
_entity.id
_entity.type
_entity.pdbx_description
1 polymer 'X-linked interleukin-1 receptor accessory protein-like 1'
2 water water
#
_entity_poly.entity_id   1
_entity_poly.type   'polypeptide(L)'
_entity_poly.pdbx_seq_one_letter_code
;KDYDAYLSYTKVDPDQWNQETGEEERFALEILPD(MSE)LEKHYGYKLFIPDRDLIPTGTYIEDVARCVDQSKRLIIV
(MSE)TPNYVVRRGWSIFELETRLRN(MSE)LVTGEIKVILIECSELRGI(MSE)NYQEVEALKHTIKLLTVIKWHGPKC
NKLNSKFWKRLQYE(MSE)PF
;
_entity_poly.pdbx_strand_id   A,B
#
# COMPACT_ATOMS: atom_id res chain seq x y z
N LYS A 1 -21.78 6.95 -12.53
CA LYS A 1 -23.25 7.20 -12.46
C LYS A 1 -23.61 8.26 -11.42
N ASP A 2 -23.37 7.97 -10.15
CA ASP A 2 -23.69 8.89 -9.06
C ASP A 2 -22.70 10.04 -8.86
N TYR A 3 -21.42 9.81 -9.14
CA TYR A 3 -20.42 10.87 -8.96
C TYR A 3 -19.53 11.06 -10.18
N ASP A 4 -19.00 12.27 -10.31
CA ASP A 4 -18.11 12.58 -11.43
C ASP A 4 -16.69 12.11 -11.15
N ALA A 5 -16.34 12.03 -9.87
CA ALA A 5 -15.00 11.59 -9.51
C ALA A 5 -14.86 11.20 -8.04
N TYR A 6 -14.10 10.14 -7.81
CA TYR A 6 -13.84 9.65 -6.47
C TYR A 6 -12.46 10.24 -6.17
N LEU A 7 -12.38 11.01 -5.09
CA LEU A 7 -11.13 11.66 -4.71
C LEU A 7 -10.31 10.79 -3.76
N SER A 8 -9.18 10.32 -4.24
CA SER A 8 -8.28 9.49 -3.45
C SER A 8 -7.09 10.34 -3.03
N TYR A 9 -6.91 10.51 -1.73
CA TYR A 9 -5.81 11.31 -1.20
C TYR A 9 -5.40 10.77 0.16
N THR A 10 -4.36 11.37 0.72
CA THR A 10 -3.85 11.01 2.04
C THR A 10 -3.75 12.28 2.88
N LYS A 11 -3.90 12.14 4.19
CA LYS A 11 -3.81 13.30 5.08
C LYS A 11 -3.03 12.98 6.35
N VAL A 12 -2.03 13.79 6.65
CA VAL A 12 -1.20 13.60 7.84
C VAL A 12 -1.96 13.82 9.15
N ASP A 13 -1.24 13.61 10.25
CA ASP A 13 -1.78 13.77 11.60
C ASP A 13 -2.08 15.24 11.89
N THR A 21 2.85 19.98 4.77
CA THR A 21 2.06 20.74 5.73
C THR A 21 0.94 21.54 5.05
N GLY A 22 1.29 22.66 4.43
CA GLY A 22 0.26 23.47 3.80
C GLY A 22 0.51 23.96 2.38
N GLU A 23 1.11 23.12 1.52
CA GLU A 23 1.35 23.52 0.15
C GLU A 23 0.69 22.52 -0.80
N GLU A 24 1.21 21.29 -0.78
CA GLU A 24 0.66 20.24 -1.62
C GLU A 24 -0.57 19.67 -0.92
N GLU A 25 -0.57 19.73 0.42
CA GLU A 25 -1.71 19.25 1.20
C GLU A 25 -2.81 20.30 1.16
N ARG A 26 -2.43 21.56 0.92
CA ARG A 26 -3.39 22.64 0.82
C ARG A 26 -4.19 22.42 -0.45
N PHE A 27 -3.47 22.12 -1.52
CA PHE A 27 -4.05 21.85 -2.82
C PHE A 27 -4.97 20.64 -2.75
N ALA A 28 -4.40 19.53 -2.32
CA ALA A 28 -5.12 18.27 -2.22
C ALA A 28 -6.42 18.33 -1.45
N LEU A 29 -6.39 18.93 -0.27
CA LEU A 29 -7.58 19.02 0.57
C LEU A 29 -8.49 20.21 0.39
N GLU A 30 -7.93 21.39 0.13
CA GLU A 30 -8.72 22.60 -0.01
C GLU A 30 -9.05 23.01 -1.45
N ILE A 31 -8.04 23.53 -2.13
CA ILE A 31 -8.16 24.02 -3.49
C ILE A 31 -8.74 23.06 -4.52
N LEU A 32 -8.15 21.88 -4.68
CA LEU A 32 -8.63 20.92 -5.65
C LEU A 32 -10.15 20.68 -5.57
N PRO A 33 -10.65 20.31 -4.38
CA PRO A 33 -12.08 20.05 -4.19
C PRO A 33 -12.99 21.26 -4.43
N ASP A 34 -12.60 22.42 -3.91
CA ASP A 34 -13.41 23.64 -4.08
C ASP A 34 -13.49 24.04 -5.56
N LEU A 36 -13.15 22.11 -8.31
CA LEU A 36 -13.97 21.17 -9.08
C LEU A 36 -15.46 21.24 -8.79
N GLU A 37 -15.82 21.48 -7.54
CA GLU A 37 -17.23 21.53 -7.18
C GLU A 37 -17.87 22.91 -7.27
N LYS A 38 -17.25 23.91 -6.67
CA LYS A 38 -17.81 25.27 -6.69
C LYS A 38 -17.76 25.92 -8.07
N HIS A 39 -16.57 25.96 -8.67
CA HIS A 39 -16.38 26.57 -9.98
C HIS A 39 -16.96 25.74 -11.11
N TYR A 40 -16.38 24.57 -11.34
CA TYR A 40 -16.82 23.67 -12.40
C TYR A 40 -18.13 22.95 -12.16
N GLY A 41 -18.59 22.92 -10.91
CA GLY A 41 -19.84 22.25 -10.60
C GLY A 41 -19.89 20.73 -10.70
N TYR A 42 -18.77 20.07 -10.47
CA TYR A 42 -18.73 18.61 -10.52
C TYR A 42 -19.20 18.04 -9.18
N LYS A 43 -19.61 16.77 -9.19
CA LYS A 43 -20.05 16.11 -7.95
C LYS A 43 -19.01 15.06 -7.59
N LEU A 44 -18.29 15.31 -6.49
CA LEU A 44 -17.25 14.39 -6.04
C LEU A 44 -17.61 13.55 -4.84
N PHE A 45 -16.99 12.38 -4.73
CA PHE A 45 -17.17 11.54 -3.57
C PHE A 45 -15.85 11.76 -2.85
N ILE A 46 -15.92 12.38 -1.67
CA ILE A 46 -14.73 12.67 -0.88
C ILE A 46 -14.90 11.89 0.43
N PRO A 47 -14.11 10.81 0.61
CA PRO A 47 -14.16 9.96 1.80
C PRO A 47 -14.34 10.65 3.15
N ASP A 48 -13.47 11.61 3.47
CA ASP A 48 -13.57 12.32 4.75
C ASP A 48 -14.86 13.11 4.92
N ARG A 49 -15.67 13.21 3.87
CA ARG A 49 -16.93 13.94 3.94
C ARG A 49 -18.14 13.04 3.71
N ASP A 50 -18.00 12.04 2.85
CA ASP A 50 -19.11 11.17 2.51
C ASP A 50 -19.00 9.70 2.90
N LEU A 51 -17.86 9.31 3.48
CA LEU A 51 -17.66 7.92 3.86
C LEU A 51 -17.50 7.70 5.37
N ILE A 52 -18.36 6.87 5.93
CA ILE A 52 -18.25 6.56 7.34
C ILE A 52 -17.70 5.16 7.48
N PRO A 53 -16.44 5.03 7.92
CA PRO A 53 -15.75 3.75 8.11
C PRO A 53 -16.49 2.79 9.03
N THR A 54 -16.75 1.59 8.54
CA THR A 54 -17.46 0.57 9.30
C THR A 54 -16.83 -0.78 9.00
N GLY A 55 -17.55 -1.86 9.34
CA GLY A 55 -17.03 -3.19 9.10
C GLY A 55 -17.00 -3.53 7.62
N THR A 56 -17.64 -2.71 6.80
CA THR A 56 -17.69 -2.95 5.36
C THR A 56 -16.91 -1.89 4.57
N TYR A 57 -16.03 -1.18 5.26
CA TYR A 57 -15.22 -0.13 4.66
C TYR A 57 -14.66 -0.48 3.27
N ILE A 58 -13.97 -1.62 3.20
CA ILE A 58 -13.36 -2.05 1.95
C ILE A 58 -14.36 -2.16 0.81
N GLU A 59 -15.48 -2.81 1.08
CA GLU A 59 -16.52 -2.98 0.07
C GLU A 59 -17.19 -1.65 -0.24
N ASP A 60 -17.27 -0.77 0.75
CA ASP A 60 -17.89 0.54 0.52
C ASP A 60 -17.05 1.35 -0.46
N VAL A 61 -15.73 1.31 -0.31
CA VAL A 61 -14.87 2.04 -1.22
C VAL A 61 -15.06 1.48 -2.63
N ALA A 62 -15.02 0.15 -2.77
CA ALA A 62 -15.21 -0.49 -4.07
C ALA A 62 -16.49 -0.03 -4.74
N ARG A 63 -17.57 0.00 -3.95
CA ARG A 63 -18.88 0.41 -4.40
C ARG A 63 -18.95 1.90 -4.79
N CYS A 64 -18.30 2.75 -4.00
CA CYS A 64 -18.30 4.18 -4.28
C CYS A 64 -17.47 4.53 -5.50
N VAL A 65 -16.38 3.81 -5.70
CA VAL A 65 -15.51 4.03 -6.85
C VAL A 65 -16.29 3.62 -8.09
N ASP A 66 -16.96 2.48 -8.00
CA ASP A 66 -17.75 1.97 -9.10
C ASP A 66 -18.88 2.93 -9.48
N GLN A 67 -19.29 3.76 -8.52
CA GLN A 67 -20.36 4.72 -8.77
C GLN A 67 -19.82 6.07 -9.25
N SER A 68 -18.53 6.13 -9.56
CA SER A 68 -17.91 7.36 -10.02
C SER A 68 -17.40 7.23 -11.46
N LYS A 69 -17.43 8.35 -12.19
CA LYS A 69 -17.00 8.38 -13.59
C LYS A 69 -15.49 8.50 -13.71
N ARG A 70 -14.83 8.86 -12.60
CA ARG A 70 -13.37 9.01 -12.60
C ARG A 70 -12.79 8.73 -11.22
N LEU A 71 -11.53 8.31 -11.21
CA LEU A 71 -10.83 8.08 -9.97
C LEU A 71 -9.69 9.08 -9.97
N ILE A 72 -9.69 9.99 -9.00
CA ILE A 72 -8.61 10.95 -8.91
C ILE A 72 -7.65 10.56 -7.78
N ILE A 73 -6.39 10.41 -8.14
CA ILE A 73 -5.35 10.06 -7.18
C ILE A 73 -4.50 11.31 -7.05
N VAL A 74 -4.49 11.89 -5.86
CA VAL A 74 -3.69 13.07 -5.63
C VAL A 74 -2.43 12.59 -4.98
N THR A 76 0.71 13.20 -3.41
CA THR A 76 1.58 14.10 -2.68
C THR A 76 2.64 13.21 -2.04
N PRO A 77 3.68 13.80 -1.45
CA PRO A 77 4.72 12.98 -0.82
C PRO A 77 4.13 12.04 0.24
N ASN A 78 3.16 12.53 1.01
CA ASN A 78 2.53 11.69 2.03
C ASN A 78 1.80 10.51 1.41
N TYR A 79 1.08 10.76 0.32
CA TYR A 79 0.34 9.70 -0.35
C TYR A 79 1.33 8.63 -0.84
N VAL A 80 2.53 9.06 -1.23
CA VAL A 80 3.57 8.14 -1.68
C VAL A 80 4.16 7.35 -0.50
N VAL A 81 4.37 8.05 0.62
CA VAL A 81 4.94 7.44 1.81
C VAL A 81 3.99 6.43 2.45
N ARG A 82 2.70 6.75 2.46
CA ARG A 82 1.69 5.88 3.04
C ARG A 82 1.13 4.90 2.00
N ARG A 83 1.57 5.05 0.75
CA ARG A 83 1.06 4.21 -0.34
C ARG A 83 -0.48 4.27 -0.33
N GLY A 84 -1.00 5.49 -0.45
CA GLY A 84 -2.44 5.70 -0.44
C GLY A 84 -3.22 4.96 -1.52
N TRP A 85 -2.51 4.44 -2.52
CA TRP A 85 -3.16 3.74 -3.61
C TRP A 85 -3.39 2.25 -3.34
N SER A 86 -2.81 1.73 -2.25
CA SER A 86 -2.89 0.32 -1.91
C SER A 86 -4.24 -0.38 -2.00
N ILE A 87 -5.27 0.23 -1.45
CA ILE A 87 -6.58 -0.39 -1.47
C ILE A 87 -7.05 -0.76 -2.87
N PHE A 88 -6.65 0.03 -3.87
CA PHE A 88 -7.07 -0.25 -5.24
C PHE A 88 -6.40 -1.50 -5.83
N GLU A 89 -5.24 -1.88 -5.28
CA GLU A 89 -4.54 -3.08 -5.75
C GLU A 89 -4.93 -4.28 -4.89
N LEU A 90 -5.34 -3.99 -3.65
CA LEU A 90 -5.73 -5.01 -2.67
C LEU A 90 -7.12 -5.63 -2.88
N GLU A 91 -8.10 -4.78 -3.14
CA GLU A 91 -9.48 -5.22 -3.35
C GLU A 91 -9.61 -5.78 -4.76
N THR A 92 -9.97 -7.06 -4.86
CA THR A 92 -10.09 -7.74 -6.14
C THR A 92 -10.90 -6.99 -7.20
N ARG A 93 -12.10 -6.52 -6.83
CA ARG A 93 -12.94 -5.78 -7.79
C ARG A 93 -12.32 -4.47 -8.26
N LEU A 94 -11.81 -3.69 -7.33
CA LEU A 94 -11.17 -2.42 -7.68
C LEU A 94 -10.00 -2.67 -8.61
N ARG A 95 -9.15 -3.62 -8.24
CA ARG A 95 -7.99 -3.91 -9.07
C ARG A 95 -8.42 -4.27 -10.48
N ASN A 96 -9.55 -4.98 -10.59
CA ASN A 96 -10.07 -5.37 -11.89
C ASN A 96 -10.48 -4.15 -12.69
N LEU A 98 -9.39 -1.22 -12.59
CA LEU A 98 -8.21 -0.53 -13.11
C LEU A 98 -7.56 -1.25 -14.27
N VAL A 99 -7.38 -2.57 -14.12
CA VAL A 99 -6.74 -3.40 -15.15
C VAL A 99 -7.60 -3.55 -16.41
N THR A 100 -8.88 -3.81 -16.25
CA THR A 100 -9.78 -4.00 -17.38
C THR A 100 -10.34 -2.71 -17.95
N GLY A 101 -9.95 -1.58 -17.34
CA GLY A 101 -10.42 -0.28 -17.82
C GLY A 101 -11.86 0.09 -17.56
N GLU A 102 -12.43 -0.39 -16.46
CA GLU A 102 -13.82 -0.06 -16.12
C GLU A 102 -13.93 1.36 -15.57
N ILE A 103 -12.79 1.98 -15.31
CA ILE A 103 -12.79 3.35 -14.81
C ILE A 103 -11.52 4.08 -15.18
N LYS A 104 -11.68 5.33 -15.57
CA LYS A 104 -10.57 6.17 -15.95
C LYS A 104 -9.93 6.79 -14.71
N VAL A 105 -8.61 6.78 -14.67
CA VAL A 105 -7.90 7.34 -13.54
C VAL A 105 -7.08 8.56 -13.92
N ILE A 106 -7.30 9.65 -13.18
CA ILE A 106 -6.57 10.88 -13.38
C ILE A 106 -5.62 10.92 -12.19
N LEU A 107 -4.33 10.75 -12.46
CA LEU A 107 -3.31 10.78 -11.42
C LEU A 107 -2.61 12.12 -11.48
N ILE A 108 -2.75 12.88 -10.39
CA ILE A 108 -2.14 14.20 -10.29
C ILE A 108 -0.85 14.11 -9.46
N GLU A 109 0.29 14.23 -10.14
CA GLU A 109 1.57 14.16 -9.45
C GLU A 109 1.91 15.51 -8.85
N CYS A 110 1.93 15.57 -7.53
CA CYS A 110 2.25 16.82 -6.85
C CYS A 110 3.71 16.82 -6.44
N SER A 111 4.18 15.66 -6.03
CA SER A 111 5.58 15.53 -5.60
C SER A 111 6.50 15.18 -6.76
N GLU A 112 7.80 15.37 -6.54
CA GLU A 112 8.81 15.09 -7.55
C GLU A 112 9.40 13.70 -7.30
N LEU A 113 8.50 12.75 -7.05
CA LEU A 113 8.85 11.35 -6.79
C LEU A 113 10.34 11.06 -6.83
N ARG A 114 10.95 10.88 -5.66
CA ARG A 114 12.38 10.57 -5.59
C ARG A 114 12.61 9.29 -4.81
N GLY A 115 13.63 8.53 -5.21
CA GLY A 115 13.93 7.27 -4.57
C GLY A 115 13.60 6.17 -5.56
N ILE A 116 14.57 5.31 -5.84
CA ILE A 116 14.38 4.23 -6.81
C ILE A 116 13.16 3.35 -6.54
N ASN A 118 10.26 4.03 -4.57
CA ASN A 118 8.98 4.70 -4.72
C ASN A 118 8.71 4.92 -6.21
N TYR A 119 9.72 5.40 -6.93
CA TYR A 119 9.56 5.63 -8.35
C TYR A 119 9.11 4.35 -9.05
N GLN A 120 9.78 3.24 -8.74
CA GLN A 120 9.44 1.98 -9.37
C GLN A 120 8.07 1.44 -8.98
N GLU A 121 7.68 1.64 -7.72
CA GLU A 121 6.34 1.17 -7.31
C GLU A 121 5.27 1.98 -8.04
N VAL A 122 5.49 3.28 -8.17
CA VAL A 122 4.54 4.14 -8.87
C VAL A 122 4.48 3.73 -10.34
N GLU A 123 5.62 3.40 -10.92
CA GLU A 123 5.65 2.96 -12.31
C GLU A 123 4.79 1.72 -12.47
N ALA A 124 4.95 0.78 -11.54
CA ALA A 124 4.17 -0.45 -11.57
C ALA A 124 2.69 -0.17 -11.38
N LEU A 125 2.36 0.78 -10.51
CA LEU A 125 0.97 1.13 -10.27
C LEU A 125 0.35 1.56 -11.59
N LYS A 126 1.04 2.47 -12.29
CA LYS A 126 0.56 2.97 -13.56
C LYS A 126 0.33 1.86 -14.59
N HIS A 127 1.18 0.83 -14.58
CA HIS A 127 1.08 -0.27 -15.53
C HIS A 127 -0.13 -1.15 -15.26
N THR A 128 -0.76 -0.97 -14.11
CA THR A 128 -1.91 -1.77 -13.75
C THR A 128 -3.18 -1.05 -14.20
N ILE A 129 -3.04 0.20 -14.62
CA ILE A 129 -4.17 1.01 -15.06
C ILE A 129 -4.27 1.16 -16.58
N LYS A 130 -5.34 0.61 -17.15
CA LYS A 130 -5.57 0.66 -18.59
C LYS A 130 -5.92 2.07 -19.06
N LEU A 131 -6.89 2.70 -18.40
CA LEU A 131 -7.32 4.05 -18.75
C LEU A 131 -6.65 5.00 -17.78
N LEU A 132 -5.55 5.60 -18.20
CA LEU A 132 -4.80 6.49 -17.36
C LEU A 132 -4.33 7.80 -17.99
N THR A 133 -4.38 8.87 -17.21
CA THR A 133 -3.88 10.15 -17.64
C THR A 133 -3.16 10.76 -16.44
N VAL A 134 -1.99 11.33 -16.68
CA VAL A 134 -1.23 11.93 -15.61
C VAL A 134 -1.05 13.43 -15.82
N ILE A 135 -1.26 14.19 -14.76
CA ILE A 135 -1.13 15.64 -14.81
C ILE A 135 -0.11 16.04 -13.77
N LYS A 136 0.91 16.78 -14.18
CA LYS A 136 1.94 17.21 -13.26
C LYS A 136 1.55 18.54 -12.63
N TRP A 137 1.53 18.57 -11.30
CA TRP A 137 1.20 19.78 -10.56
C TRP A 137 2.53 20.32 -10.07
N HIS A 138 3.09 21.26 -10.83
CA HIS A 138 4.38 21.85 -10.46
C HIS A 138 4.40 22.62 -9.14
N GLY A 139 3.36 23.42 -8.90
CA GLY A 139 3.33 24.17 -7.67
C GLY A 139 2.10 25.03 -7.50
N PRO A 140 2.07 25.88 -6.45
CA PRO A 140 0.94 26.76 -6.17
C PRO A 140 0.52 27.62 -7.36
N LYS A 141 1.45 27.88 -8.28
CA LYS A 141 1.14 28.68 -9.46
C LYS A 141 0.07 28.05 -10.33
N CYS A 142 0.02 26.72 -10.36
CA CYS A 142 -0.97 26.00 -11.14
C CYS A 142 -2.36 26.13 -10.52
N ASN A 143 -2.44 26.69 -9.32
CA ASN A 143 -3.72 26.86 -8.61
C ASN A 143 -4.55 28.06 -9.08
N LYS A 144 -3.89 29.05 -9.69
CA LYS A 144 -4.56 30.25 -10.17
C LYS A 144 -5.64 29.92 -11.20
N LEU A 145 -6.79 30.59 -11.09
CA LEU A 145 -7.93 30.37 -12.00
C LEU A 145 -7.51 30.13 -13.44
N ASN A 146 -8.37 29.41 -14.17
CA ASN A 146 -8.14 29.04 -15.57
C ASN A 146 -6.68 29.04 -16.00
N SER A 147 -5.88 28.19 -15.34
CA SER A 147 -4.47 28.06 -15.67
C SER A 147 -4.36 26.86 -16.58
N LYS A 148 -3.16 26.57 -17.04
CA LYS A 148 -2.97 25.41 -17.91
C LYS A 148 -3.33 24.15 -17.13
N PHE A 149 -3.17 24.19 -15.80
CA PHE A 149 -3.48 23.05 -14.97
C PHE A 149 -4.98 22.76 -14.91
N TRP A 150 -5.77 23.78 -14.58
CA TRP A 150 -7.22 23.61 -14.48
C TRP A 150 -7.86 23.28 -15.81
N LYS A 151 -7.30 23.83 -16.89
CA LYS A 151 -7.82 23.59 -18.23
C LYS A 151 -7.66 22.10 -18.52
N ARG A 152 -6.46 21.59 -18.24
CA ARG A 152 -6.15 20.18 -18.46
C ARG A 152 -7.04 19.27 -17.60
N LEU A 153 -7.20 19.62 -16.33
CA LEU A 153 -8.01 18.79 -15.44
C LEU A 153 -9.48 18.72 -15.88
N GLN A 154 -10.06 19.88 -16.15
CA GLN A 154 -11.45 19.93 -16.59
C GLN A 154 -11.63 19.04 -17.81
N TYR A 155 -10.66 19.12 -18.72
CA TYR A 155 -10.68 18.32 -19.94
C TYR A 155 -10.75 16.82 -19.61
N GLU A 156 -9.98 16.41 -18.60
CA GLU A 156 -9.95 15.01 -18.19
C GLU A 156 -11.20 14.58 -17.41
N PRO A 158 -15.47 14.45 -16.61
CA PRO A 158 -16.63 14.11 -17.44
C PRO A 158 -17.43 15.34 -17.89
N PHE A 159 -18.71 15.10 -18.21
CA PHE A 159 -19.64 16.13 -18.65
C PHE A 159 -19.33 16.50 -20.09
N LYS B 1 13.23 -22.87 -2.32
CA LYS B 1 14.40 -23.14 -3.19
C LYS B 1 15.68 -22.50 -2.64
N ASP B 2 15.88 -21.21 -2.90
CA ASP B 2 17.08 -20.50 -2.45
C ASP B 2 17.12 -20.04 -1.00
N TYR B 3 15.98 -19.62 -0.47
CA TYR B 3 15.96 -19.14 0.91
C TYR B 3 14.88 -19.82 1.72
N ASP B 4 15.06 -19.81 3.04
CA ASP B 4 14.07 -20.40 3.92
C ASP B 4 12.91 -19.44 4.11
N ALA B 5 13.18 -18.15 4.02
CA ALA B 5 12.16 -17.14 4.18
C ALA B 5 12.61 -15.76 3.68
N TYR B 6 11.65 -15.01 3.17
CA TYR B 6 11.87 -13.65 2.65
C TYR B 6 11.34 -12.75 3.78
N LEU B 7 12.20 -11.90 4.32
CA LEU B 7 11.79 -11.01 5.42
C LEU B 7 11.25 -9.69 4.90
N SER B 8 9.99 -9.38 5.24
CA SER B 8 9.39 -8.14 4.80
C SER B 8 9.07 -7.24 5.99
N TYR B 9 9.83 -6.16 6.13
CA TYR B 9 9.60 -5.21 7.21
C TYR B 9 9.82 -3.78 6.75
N THR B 10 9.48 -2.83 7.61
CA THR B 10 9.66 -1.41 7.34
C THR B 10 10.57 -0.86 8.44
N LYS B 11 11.41 0.11 8.10
CA LYS B 11 12.32 0.66 9.11
C LYS B 11 12.39 2.19 9.13
N VAL B 12 11.37 2.84 8.60
CA VAL B 12 11.33 4.30 8.56
C VAL B 12 12.41 4.84 7.63
N THR B 21 7.22 2.13 19.85
CA THR B 21 8.48 2.07 19.11
C THR B 21 9.62 1.67 20.05
N GLY B 22 10.78 1.35 19.47
CA GLY B 22 11.93 0.96 20.29
C GLY B 22 12.10 -0.53 20.44
N GLU B 23 11.13 -1.19 21.09
CA GLU B 23 11.19 -2.63 21.27
C GLU B 23 10.76 -3.31 19.99
N GLU B 24 9.68 -2.81 19.41
CA GLU B 24 9.12 -3.33 18.19
C GLU B 24 10.13 -3.20 17.07
N GLU B 25 10.91 -2.13 17.11
CA GLU B 25 11.94 -1.86 16.10
C GLU B 25 13.11 -2.82 16.25
N ARG B 26 13.60 -2.97 17.46
CA ARG B 26 14.73 -3.84 17.73
C ARG B 26 14.32 -5.28 17.40
N PHE B 27 13.06 -5.60 17.61
CA PHE B 27 12.56 -6.93 17.32
C PHE B 27 12.59 -7.25 15.84
N ALA B 28 11.99 -6.39 15.03
CA ALA B 28 11.90 -6.60 13.59
C ALA B 28 13.23 -6.50 12.84
N LEU B 29 14.08 -5.55 13.24
CA LEU B 29 15.36 -5.33 12.59
C LEU B 29 16.52 -6.14 13.14
N GLU B 30 16.46 -6.53 14.40
CA GLU B 30 17.57 -7.28 14.97
C GLU B 30 17.22 -8.63 15.57
N ILE B 31 16.43 -8.61 16.63
CA ILE B 31 16.07 -9.85 17.31
C ILE B 31 15.52 -10.93 16.38
N LEU B 32 14.49 -10.59 15.61
CA LEU B 32 13.90 -11.58 14.71
C LEU B 32 14.92 -12.21 13.75
N PRO B 33 15.65 -11.38 12.98
CA PRO B 33 16.65 -11.90 12.03
C PRO B 33 17.78 -12.68 12.70
N ASP B 34 18.25 -12.19 13.85
CA ASP B 34 19.32 -12.86 14.59
C ASP B 34 18.90 -14.23 15.10
N LEU B 36 16.40 -16.13 13.94
CA LEU B 36 16.19 -17.02 12.80
C LEU B 36 17.49 -17.50 12.15
N GLU B 37 18.41 -16.59 11.90
CA GLU B 37 19.68 -16.95 11.26
C GLU B 37 20.77 -17.48 12.18
N LYS B 38 21.00 -16.84 13.32
CA LYS B 38 22.07 -17.27 14.23
C LYS B 38 21.71 -18.33 15.26
N HIS B 39 20.44 -18.39 15.66
CA HIS B 39 20.06 -19.40 16.64
C HIS B 39 19.53 -20.66 15.96
N TYR B 40 18.61 -20.48 15.01
CA TYR B 40 18.01 -21.60 14.31
C TYR B 40 18.75 -22.04 13.06
N GLY B 41 19.54 -21.13 12.48
CA GLY B 41 20.29 -21.49 11.29
C GLY B 41 19.58 -21.36 9.95
N TYR B 42 18.49 -20.59 9.90
CA TYR B 42 17.77 -20.43 8.64
C TYR B 42 18.50 -19.45 7.73
N LYS B 43 18.26 -19.59 6.43
CA LYS B 43 18.87 -18.72 5.44
C LYS B 43 17.80 -17.73 5.00
N LEU B 44 17.94 -16.48 5.40
CA LEU B 44 16.97 -15.45 5.05
C LEU B 44 17.39 -14.54 3.91
N PHE B 45 16.38 -14.00 3.22
CA PHE B 45 16.65 -13.02 2.18
C PHE B 45 16.13 -11.75 2.82
N ILE B 46 17.06 -10.87 3.18
CA ILE B 46 16.72 -9.60 3.80
C ILE B 46 17.05 -8.52 2.79
N PRO B 47 16.03 -7.92 2.16
CA PRO B 47 16.16 -6.87 1.16
C PRO B 47 17.21 -5.79 1.46
N ASP B 48 17.14 -5.19 2.63
CA ASP B 48 18.10 -4.15 3.00
C ASP B 48 19.54 -4.65 3.00
N ARG B 49 19.73 -5.97 3.06
CA ARG B 49 21.08 -6.53 3.06
C ARG B 49 21.40 -7.20 1.74
N ASP B 50 20.38 -7.84 1.16
CA ASP B 50 20.56 -8.60 -0.06
C ASP B 50 20.01 -8.03 -1.37
N LEU B 51 19.19 -7.01 -1.31
CA LEU B 51 18.62 -6.47 -2.54
C LEU B 51 19.13 -5.11 -3.00
N ILE B 52 19.48 -5.06 -4.27
CA ILE B 52 20.00 -3.85 -4.91
C ILE B 52 18.87 -3.15 -5.67
N PRO B 53 18.26 -2.12 -5.06
CA PRO B 53 17.17 -1.41 -5.74
C PRO B 53 17.64 -0.86 -7.08
N THR B 54 17.05 -1.34 -8.17
CA THR B 54 17.41 -0.89 -9.51
C THR B 54 16.16 -0.73 -10.36
N GLY B 55 16.33 -0.70 -11.67
CA GLY B 55 15.19 -0.54 -12.57
C GLY B 55 14.25 -1.73 -12.64
N THR B 56 14.68 -2.88 -12.12
CA THR B 56 13.86 -4.09 -12.12
C THR B 56 13.46 -4.47 -10.70
N TYR B 57 13.47 -3.49 -9.81
CA TYR B 57 13.10 -3.70 -8.40
C TYR B 57 11.86 -4.56 -8.19
N ILE B 58 10.75 -4.17 -8.79
CA ILE B 58 9.49 -4.88 -8.64
C ILE B 58 9.63 -6.35 -9.07
N GLU B 59 10.28 -6.55 -10.20
CA GLU B 59 10.50 -7.90 -10.73
C GLU B 59 11.47 -8.68 -9.85
N ASP B 60 12.47 -8.00 -9.28
CA ASP B 60 13.44 -8.69 -8.43
C ASP B 60 12.80 -9.18 -7.12
N VAL B 61 11.88 -8.39 -6.58
CA VAL B 61 11.20 -8.78 -5.34
C VAL B 61 10.36 -10.03 -5.59
N ALA B 62 9.57 -10.02 -6.66
CA ALA B 62 8.72 -11.15 -6.99
C ALA B 62 9.54 -12.41 -7.19
N ARG B 63 10.68 -12.27 -7.85
CA ARG B 63 11.56 -13.40 -8.11
C ARG B 63 12.15 -13.94 -6.80
N CYS B 64 12.69 -13.05 -5.98
CA CYS B 64 13.29 -13.44 -4.72
C CYS B 64 12.28 -14.07 -3.75
N VAL B 65 11.04 -13.61 -3.79
CA VAL B 65 10.00 -14.18 -2.92
C VAL B 65 9.72 -15.61 -3.41
N ASP B 66 9.60 -15.75 -4.73
CA ASP B 66 9.33 -17.04 -5.35
C ASP B 66 10.45 -18.02 -4.98
N GLN B 67 11.65 -17.50 -4.76
CA GLN B 67 12.78 -18.33 -4.41
C GLN B 67 12.90 -18.58 -2.91
N SER B 68 11.88 -18.16 -2.16
CA SER B 68 11.90 -18.36 -0.71
C SER B 68 10.85 -19.37 -0.28
N LYS B 69 11.16 -20.14 0.75
CA LYS B 69 10.21 -21.15 1.21
C LYS B 69 9.06 -20.54 1.99
N ARG B 70 9.27 -19.31 2.45
CA ARG B 70 8.26 -18.60 3.23
C ARG B 70 8.37 -17.10 3.03
N LEU B 71 7.25 -16.41 3.24
CA LEU B 71 7.23 -14.95 3.17
C LEU B 71 6.86 -14.49 4.57
N ILE B 72 7.75 -13.76 5.22
CA ILE B 72 7.49 -13.29 6.55
C ILE B 72 7.14 -11.80 6.53
N ILE B 73 5.97 -11.47 7.03
CA ILE B 73 5.54 -10.09 7.08
C ILE B 73 5.62 -9.66 8.55
N VAL B 74 6.49 -8.68 8.82
CA VAL B 74 6.64 -8.20 10.19
C VAL B 74 5.80 -6.94 10.37
N THR B 76 4.73 -4.25 12.17
CA THR B 76 4.98 -3.34 13.28
C THR B 76 4.15 -2.10 12.94
N PRO B 77 4.07 -1.13 13.85
CA PRO B 77 3.27 0.07 13.55
C PRO B 77 3.65 0.80 12.25
N ASN B 78 4.95 0.97 12.02
CA ASN B 78 5.39 1.67 10.81
C ASN B 78 5.00 0.91 9.55
N TYR B 79 4.97 -0.41 9.64
CA TYR B 79 4.62 -1.24 8.50
C TYR B 79 3.15 -1.01 8.13
N VAL B 80 2.31 -0.85 9.15
CA VAL B 80 0.89 -0.59 8.93
C VAL B 80 0.70 0.80 8.30
N VAL B 81 1.37 1.81 8.86
CA VAL B 81 1.28 3.18 8.38
C VAL B 81 1.78 3.32 6.95
N ARG B 82 2.91 2.69 6.64
CA ARG B 82 3.48 2.76 5.31
C ARG B 82 2.92 1.67 4.38
N ARG B 83 2.08 0.79 4.92
CA ARG B 83 1.50 -0.31 4.12
C ARG B 83 2.62 -1.07 3.40
N GLY B 84 3.59 -1.54 4.16
CA GLY B 84 4.71 -2.26 3.59
C GLY B 84 4.34 -3.49 2.80
N TRP B 85 3.09 -3.91 2.89
CA TRP B 85 2.63 -5.10 2.18
C TRP B 85 2.09 -4.80 0.76
N SER B 86 1.96 -3.53 0.43
CA SER B 86 1.41 -3.13 -0.87
C SER B 86 1.99 -3.81 -2.09
N ILE B 87 3.30 -3.95 -2.15
CA ILE B 87 3.92 -4.55 -3.30
C ILE B 87 3.41 -5.97 -3.59
N PHE B 88 3.09 -6.73 -2.54
CA PHE B 88 2.59 -8.08 -2.72
C PHE B 88 1.20 -8.12 -3.37
N GLU B 89 0.48 -6.99 -3.29
CA GLU B 89 -0.85 -6.89 -3.90
C GLU B 89 -0.69 -6.21 -5.27
N LEU B 90 0.31 -5.34 -5.38
CA LEU B 90 0.58 -4.60 -6.61
C LEU B 90 1.10 -5.48 -7.75
N GLU B 91 2.12 -6.27 -7.45
CA GLU B 91 2.73 -7.15 -8.45
C GLU B 91 1.78 -8.33 -8.75
N THR B 92 1.28 -8.38 -9.98
CA THR B 92 0.34 -9.42 -10.43
C THR B 92 0.71 -10.87 -10.13
N ARG B 93 1.97 -11.22 -10.35
CA ARG B 93 2.40 -12.59 -10.09
C ARG B 93 2.42 -12.87 -8.59
N LEU B 94 2.89 -11.92 -7.80
CA LEU B 94 2.92 -12.11 -6.35
C LEU B 94 1.52 -12.25 -5.78
N ARG B 95 0.62 -11.37 -6.21
CA ARG B 95 -0.76 -11.41 -5.72
C ARG B 95 -1.40 -12.75 -6.05
N ASN B 96 -1.16 -13.24 -7.26
CA ASN B 96 -1.72 -14.53 -7.66
C ASN B 96 -1.12 -15.64 -6.81
N LEU B 98 -0.10 -15.36 -3.79
CA LEU B 98 -0.78 -15.28 -2.49
C LEU B 98 -2.17 -15.91 -2.49
N VAL B 99 -3.00 -15.51 -3.45
CA VAL B 99 -4.36 -16.02 -3.57
C VAL B 99 -4.42 -17.52 -3.88
N THR B 100 -3.50 -17.99 -4.71
CA THR B 100 -3.44 -19.39 -5.13
C THR B 100 -2.83 -20.35 -4.11
N GLY B 101 -2.09 -19.81 -3.15
CA GLY B 101 -1.46 -20.66 -2.16
C GLY B 101 -0.09 -21.17 -2.62
N GLU B 102 0.56 -20.40 -3.49
CA GLU B 102 1.88 -20.77 -3.98
C GLU B 102 2.93 -20.33 -2.96
N ILE B 103 2.54 -19.39 -2.09
CA ILE B 103 3.43 -18.86 -1.06
C ILE B 103 2.84 -19.01 0.33
N LYS B 104 3.63 -19.59 1.24
CA LYS B 104 3.20 -19.75 2.62
C LYS B 104 3.63 -18.49 3.35
N VAL B 105 2.68 -17.77 3.93
CA VAL B 105 2.97 -16.52 4.60
C VAL B 105 2.87 -16.60 6.11
N ILE B 106 3.90 -16.06 6.76
CA ILE B 106 3.92 -16.01 8.21
C ILE B 106 3.81 -14.53 8.53
N LEU B 107 2.66 -14.12 9.04
CA LEU B 107 2.41 -12.74 9.40
C LEU B 107 2.56 -12.60 10.91
N ILE B 108 3.57 -11.83 11.31
CA ILE B 108 3.83 -11.63 12.72
C ILE B 108 3.25 -10.28 13.12
N GLU B 109 2.26 -10.30 14.02
CA GLU B 109 1.63 -9.06 14.46
C GLU B 109 2.38 -8.42 15.62
N CYS B 110 2.90 -7.21 15.39
CA CYS B 110 3.65 -6.47 16.40
C CYS B 110 3.01 -5.12 16.66
N SER B 111 1.69 -5.06 16.59
CA SER B 111 0.98 -3.82 16.83
C SER B 111 -0.51 -4.04 16.94
N GLU B 112 -1.12 -3.48 17.98
CA GLU B 112 -2.55 -3.60 18.15
C GLU B 112 -3.11 -2.66 17.10
N LEU B 113 -3.80 -3.22 16.10
CA LEU B 113 -4.35 -2.40 15.03
C LEU B 113 -5.40 -1.41 15.51
N ARG B 114 -4.95 -0.18 15.73
CA ARG B 114 -5.84 0.88 16.17
C ARG B 114 -6.38 1.58 14.94
N GLY B 115 -7.70 1.58 14.78
CA GLY B 115 -8.30 2.24 13.63
C GLY B 115 -9.13 1.33 12.76
N ILE B 116 -10.37 1.76 12.52
CA ILE B 116 -11.31 1.03 11.69
C ILE B 116 -10.73 0.66 10.32
N ASN B 118 -7.50 0.74 9.20
CA ASN B 118 -6.30 -0.09 9.27
C ASN B 118 -6.74 -1.54 9.50
N TYR B 119 -7.56 -1.74 10.51
CA TYR B 119 -8.06 -3.06 10.84
C TYR B 119 -8.71 -3.75 9.64
N GLN B 120 -9.65 -3.09 9.00
CA GLN B 120 -10.34 -3.68 7.86
C GLN B 120 -9.41 -3.90 6.68
N GLU B 121 -8.43 -3.00 6.52
CA GLU B 121 -7.47 -3.14 5.44
C GLU B 121 -6.63 -4.39 5.69
N VAL B 122 -6.13 -4.54 6.91
CA VAL B 122 -5.33 -5.70 7.26
C VAL B 122 -6.19 -6.96 7.13
N GLU B 123 -7.45 -6.88 7.55
CA GLU B 123 -8.33 -8.04 7.41
C GLU B 123 -8.44 -8.40 5.93
N ALA B 124 -8.54 -7.39 5.07
CA ALA B 124 -8.64 -7.64 3.64
C ALA B 124 -7.37 -8.27 3.08
N LEU B 125 -6.21 -7.88 3.61
CA LEU B 125 -4.93 -8.43 3.18
C LEU B 125 -4.89 -9.93 3.51
N LYS B 126 -5.31 -10.27 4.72
CA LYS B 126 -5.32 -11.66 5.14
C LYS B 126 -6.22 -12.50 4.24
N HIS B 127 -7.39 -11.94 3.89
CA HIS B 127 -8.34 -12.65 3.05
C HIS B 127 -7.87 -12.87 1.63
N THR B 128 -6.75 -12.25 1.24
CA THR B 128 -6.22 -12.46 -0.10
C THR B 128 -5.12 -13.51 -0.07
N ILE B 129 -4.77 -13.96 1.13
CA ILE B 129 -3.71 -14.95 1.32
C ILE B 129 -4.25 -16.33 1.74
N LYS B 130 -4.13 -17.30 0.85
CA LYS B 130 -4.62 -18.64 1.13
C LYS B 130 -3.82 -19.41 2.18
N LEU B 131 -2.50 -19.49 2.01
CA LEU B 131 -1.67 -20.20 2.99
C LEU B 131 -1.06 -19.20 3.95
N LEU B 132 -1.89 -18.75 4.89
CA LEU B 132 -1.48 -17.77 5.86
C LEU B 132 -1.55 -18.29 7.30
N THR B 133 -0.59 -17.86 8.10
CA THR B 133 -0.53 -18.22 9.49
C THR B 133 -0.19 -16.92 10.20
N VAL B 134 -0.96 -16.60 11.23
CA VAL B 134 -0.73 -15.38 11.98
C VAL B 134 -0.18 -15.73 13.35
N ILE B 135 0.86 -15.02 13.76
CA ILE B 135 1.47 -15.23 15.07
C ILE B 135 1.50 -13.90 15.79
N LYS B 136 1.01 -13.87 17.01
CA LYS B 136 0.97 -12.65 17.80
C LYS B 136 2.25 -12.46 18.58
N TRP B 137 2.80 -11.26 18.51
CA TRP B 137 4.00 -10.91 19.25
C TRP B 137 3.49 -9.92 20.29
N HIS B 138 3.36 -10.37 21.53
CA HIS B 138 2.85 -9.53 22.59
C HIS B 138 3.82 -8.49 23.11
N GLY B 139 5.11 -8.75 22.95
CA GLY B 139 6.10 -7.81 23.45
C GLY B 139 7.39 -8.49 23.84
N PRO B 140 8.35 -7.73 24.40
CA PRO B 140 9.66 -8.22 24.83
C PRO B 140 9.64 -9.57 25.54
N LYS B 141 8.60 -9.82 26.33
CA LYS B 141 8.49 -11.10 27.04
C LYS B 141 8.53 -12.24 26.03
N CYS B 142 8.01 -11.98 24.83
CA CYS B 142 7.98 -12.98 23.76
C CYS B 142 9.38 -13.23 23.20
N ASN B 143 10.32 -12.31 23.47
CA ASN B 143 11.68 -12.46 22.96
C ASN B 143 12.50 -13.52 23.66
N LYS B 144 12.24 -13.72 24.95
CA LYS B 144 12.98 -14.72 25.73
C LYS B 144 13.15 -16.03 24.95
N LEU B 145 14.38 -16.51 24.90
CA LEU B 145 14.71 -17.74 24.19
C LEU B 145 13.77 -18.88 24.60
N ASN B 146 13.31 -19.63 23.60
CA ASN B 146 12.43 -20.77 23.84
C ASN B 146 11.04 -20.42 24.38
N SER B 147 10.56 -19.23 24.07
CA SER B 147 9.23 -18.82 24.51
C SER B 147 8.19 -19.46 23.58
N LYS B 148 6.92 -19.38 23.96
CA LYS B 148 5.88 -19.94 23.12
C LYS B 148 5.91 -19.29 21.74
N PHE B 149 6.26 -18.01 21.71
CA PHE B 149 6.34 -17.30 20.44
C PHE B 149 7.35 -17.95 19.51
N TRP B 150 8.57 -18.15 20.01
CA TRP B 150 9.63 -18.77 19.21
C TRP B 150 9.33 -20.20 18.80
N LYS B 151 8.73 -20.98 19.71
CA LYS B 151 8.41 -22.35 19.39
C LYS B 151 7.42 -22.37 18.23
N ARG B 152 6.42 -21.51 18.30
CA ARG B 152 5.43 -21.42 17.23
C ARG B 152 6.06 -20.99 15.91
N LEU B 153 6.93 -19.98 15.94
CA LEU B 153 7.56 -19.52 14.70
C LEU B 153 8.44 -20.62 14.13
N GLN B 154 9.21 -21.28 14.98
CA GLN B 154 10.07 -22.38 14.54
C GLN B 154 9.23 -23.45 13.85
N TYR B 155 8.07 -23.78 14.42
CA TYR B 155 7.21 -24.78 13.82
C TYR B 155 6.75 -24.35 12.43
N GLU B 156 6.40 -23.07 12.28
CA GLU B 156 5.93 -22.54 10.99
C GLU B 156 7.00 -22.44 9.91
N PRO B 158 10.36 -23.83 7.65
CA PRO B 158 10.68 -25.11 7.00
C PRO B 158 11.72 -25.98 7.73
N PHE B 159 11.88 -27.20 7.21
CA PHE B 159 12.79 -28.24 7.69
C PHE B 159 12.01 -29.31 8.43
#